data_6MLW
#
_entry.id   6MLW
#
_cell.length_a   43.781
_cell.length_b   54.587
_cell.length_c   172.909
_cell.angle_alpha   90.000
_cell.angle_beta   90.000
_cell.angle_gamma   90.000
#
_symmetry.space_group_name_H-M   'P 21 21 21'
#
loop_
_entity.id
_entity.type
_entity.pdbx_description
1 polymer Phosphoglucomutase
2 non-polymer 'MAGNESIUM ION'
3 non-polymer 2,6-anhydro-5,7-dideoxy-5-fluoro-7-phosphono-D-glycero-D-manno-heptitol
4 water water
#
_entity_poly.entity_id   1
_entity_poly.type   'polypeptide(L)'
_entity_poly.pdbx_seq_one_letter_code
;MGSSHHHHHHSSGLVPRGSHMTLPAFKAYDIRGRVPDELNEDLARRIGVALAAQLDQGPVVLGHDVRLASPALQEALSAG
LRASGRDVIDIGLCGTEEVYFQTDYLKAAGGVMVTA(SEP)HNPMDYNGMKLVREQARPISSDTGLFAIRDTVAADTAAP
GEPTASEQSRTDKTAYLEHLLSYVDRSTLKPLKLVVNAGNGGAGLIVDLLAPHLPFEFVRVFHEPDGNFPNGIPNPLLPE
NRDATAKAVKDNGADFGIAWDGDFDRCFFFDHTGRFIEGYYLVGLLAQAILAKQPGGKVVHDPRLTWNTVEQVEEAGGIP
VLCKSGHAFIKEKMRSENAVYGGEMSAHHYFREFAYADSGMIPWLLIAELVSQSGRSLADLVEARMQKFPCSGEINFKVA
DAKASVARVMEHYASLSPELDYTDGISADFGQWRFNLRSSNTEPLLRLNVETRGDAALLETRTQEISNLLRG
;
_entity_poly.pdbx_strand_id   A
#
# COMPACT_ATOMS: atom_id res chain seq x y z
N HIS A 20 21.80 20.35 -4.07
CA HIS A 20 21.28 19.27 -4.90
C HIS A 20 22.20 18.94 -6.08
N MET A 21 22.60 17.67 -6.19
CA MET A 21 23.31 17.18 -7.37
C MET A 21 22.41 16.38 -8.30
N THR A 22 21.43 15.67 -7.74
CA THR A 22 20.35 15.05 -8.49
C THR A 22 19.03 15.66 -8.02
N LEU A 23 18.02 15.62 -8.87
CA LEU A 23 16.70 16.11 -8.48
C LEU A 23 16.23 15.35 -7.25
N PRO A 24 15.96 16.02 -6.12
CA PRO A 24 15.60 15.27 -4.90
C PRO A 24 14.28 14.53 -5.02
N ALA A 25 13.35 15.00 -5.87
CA ALA A 25 12.00 14.46 -5.88
C ALA A 25 11.94 13.04 -6.40
N PHE A 26 12.99 12.55 -7.05
CA PHE A 26 12.99 11.19 -7.60
C PHE A 26 13.51 10.25 -6.52
N LYS A 27 12.59 9.51 -5.90
CA LYS A 27 12.91 8.55 -4.86
C LYS A 27 13.03 7.16 -5.46
N ALA A 28 13.13 6.15 -4.59
CA ALA A 28 13.37 4.79 -5.07
C ALA A 28 12.15 4.20 -5.77
N TYR A 29 10.95 4.50 -5.29
CA TYR A 29 9.74 3.92 -5.84
C TYR A 29 8.82 4.91 -6.54
N ASP A 30 8.96 6.22 -6.29
CA ASP A 30 8.05 7.19 -6.87
C ASP A 30 8.72 8.55 -6.90
N ILE A 31 7.96 9.56 -7.31
CA ILE A 31 8.37 10.96 -7.29
C ILE A 31 7.65 11.62 -6.12
N ARG A 32 8.37 12.44 -5.36
CA ARG A 32 7.89 12.88 -4.05
C ARG A 32 8.62 14.18 -3.72
N GLY A 33 7.90 15.29 -3.72
CA GLY A 33 8.61 16.55 -3.50
C GLY A 33 7.72 17.69 -3.08
N ARG A 34 8.37 18.69 -2.49
CA ARG A 34 7.71 19.95 -2.17
C ARG A 34 7.49 20.76 -3.46
N VAL A 35 6.28 21.29 -3.62
CA VAL A 35 5.93 22.20 -4.70
C VAL A 35 6.23 23.64 -4.26
N PRO A 36 6.87 24.47 -5.11
CA PRO A 36 7.29 24.16 -6.47
C PRO A 36 8.79 23.91 -6.66
N ASP A 37 9.59 23.92 -5.58
CA ASP A 37 11.03 23.86 -5.77
C ASP A 37 11.54 22.46 -6.06
N GLU A 38 10.80 21.43 -5.66
CA GLU A 38 11.20 20.05 -5.95
C GLU A 38 10.32 19.39 -7.01
N LEU A 39 9.09 19.88 -7.19
CA LEU A 39 8.15 19.33 -8.14
C LEU A 39 7.25 20.46 -8.56
N ASN A 40 7.01 20.59 -9.86
CA ASN A 40 6.24 21.72 -10.39
C ASN A 40 5.74 21.32 -11.77
N GLU A 41 4.96 22.22 -12.38
CA GLU A 41 4.36 21.92 -13.67
C GLU A 41 5.41 21.73 -14.76
N ASP A 42 6.52 22.47 -14.70
CA ASP A 42 7.54 22.33 -15.72
C ASP A 42 8.26 20.99 -15.61
N LEU A 43 8.63 20.61 -14.37
CA LEU A 43 9.18 19.27 -14.15
C LEU A 43 8.19 18.19 -14.58
N ALA A 44 6.90 18.39 -14.27
CA ALA A 44 5.89 17.40 -14.62
C ALA A 44 5.77 17.23 -16.14
N ARG A 45 5.75 18.33 -16.88
CA ARG A 45 5.71 18.25 -18.33
C ARG A 45 6.93 17.51 -18.87
N ARG A 46 8.11 17.85 -18.36
CA ARG A 46 9.33 17.12 -18.72
C ARG A 46 9.23 15.64 -18.34
N ILE A 47 8.61 15.33 -17.19
CA ILE A 47 8.44 13.92 -16.84
C ILE A 47 7.51 13.23 -17.84
N GLY A 48 6.46 13.91 -18.28
CA GLY A 48 5.61 13.37 -19.34
C GLY A 48 6.41 13.04 -20.59
N VAL A 49 7.23 14.00 -21.05
CA VAL A 49 8.07 13.78 -22.23
C VAL A 49 8.98 12.58 -22.02
N ALA A 50 9.70 12.54 -20.90
CA ALA A 50 10.66 11.47 -20.67
C ALA A 50 9.96 10.13 -20.51
N LEU A 51 8.75 10.13 -19.98
CA LEU A 51 8.06 8.86 -19.78
C LEU A 51 7.70 8.22 -21.12
N ALA A 52 7.27 9.04 -22.09
CA ALA A 52 6.94 8.52 -23.42
C ALA A 52 8.14 7.83 -24.08
N ALA A 53 9.36 8.26 -23.78
CA ALA A 53 10.54 7.57 -24.31
C ALA A 53 10.75 6.20 -23.65
N GLN A 54 10.27 6.01 -22.43
CA GLN A 54 10.55 4.77 -21.68
C GLN A 54 9.56 3.65 -21.96
N LEU A 55 8.37 3.96 -22.44
CA LEU A 55 7.29 2.99 -22.52
C LEU A 55 7.30 2.27 -23.86
N ASP A 56 6.71 1.08 -23.88
CA ASP A 56 6.29 0.41 -25.10
C ASP A 56 5.18 1.23 -25.76
N GLN A 57 4.69 0.83 -26.94
CA GLN A 57 3.73 1.66 -27.65
C GLN A 57 2.35 1.58 -27.00
N GLY A 58 1.57 2.65 -27.16
CA GLY A 58 0.24 2.72 -26.59
C GLY A 58 -0.01 4.00 -25.81
N PRO A 59 -1.23 4.16 -25.33
CA PRO A 59 -1.58 5.39 -24.61
C PRO A 59 -1.22 5.28 -23.14
N VAL A 60 -1.34 6.42 -22.44
CA VAL A 60 -0.98 6.50 -21.03
C VAL A 60 -2.18 7.00 -20.24
N VAL A 61 -2.48 6.28 -19.14
CA VAL A 61 -3.55 6.55 -18.20
C VAL A 61 -3.06 7.54 -17.16
N LEU A 62 -3.88 8.55 -16.86
CA LEU A 62 -3.56 9.57 -15.87
C LEU A 62 -4.73 9.70 -14.92
N GLY A 63 -4.42 9.75 -13.62
CA GLY A 63 -5.39 10.06 -12.60
C GLY A 63 -4.71 10.82 -11.47
N HIS A 64 -5.50 11.39 -10.56
CA HIS A 64 -4.93 12.20 -9.50
C HIS A 64 -5.77 12.07 -8.24
N ASP A 65 -5.14 12.39 -7.11
CA ASP A 65 -5.78 12.36 -5.80
C ASP A 65 -6.43 13.72 -5.49
N VAL A 66 -6.83 13.94 -4.23
CA VAL A 66 -7.65 15.10 -3.90
C VAL A 66 -6.84 16.36 -3.62
N ARG A 67 -5.51 16.29 -3.65
CA ARG A 67 -4.70 17.47 -3.35
C ARG A 67 -5.02 18.59 -4.33
N LEU A 68 -4.97 19.83 -3.83
CA LEU A 68 -5.41 20.97 -4.64
C LEU A 68 -4.56 21.13 -5.90
N ALA A 69 -3.25 20.97 -5.78
CA ALA A 69 -2.36 21.18 -6.91
C ALA A 69 -2.21 19.96 -7.80
N SER A 70 -2.88 18.83 -7.50
CA SER A 70 -2.70 17.61 -8.27
C SER A 70 -3.24 17.70 -9.71
N PRO A 71 -4.42 18.30 -9.96
CA PRO A 71 -4.88 18.42 -11.37
C PRO A 71 -3.92 19.19 -12.26
N ALA A 72 -3.32 20.26 -11.77
CA ALA A 72 -2.40 21.00 -12.63
C ALA A 72 -1.16 20.17 -12.93
N LEU A 73 -0.70 19.39 -11.96
CA LEU A 73 0.39 18.46 -12.25
C LEU A 73 -0.04 17.41 -13.27
N GLN A 74 -1.30 16.98 -13.22
CA GLN A 74 -1.73 16.00 -14.20
C GLN A 74 -1.80 16.58 -15.60
N GLU A 75 -2.36 17.79 -15.72
CA GLU A 75 -2.43 18.45 -17.02
C GLU A 75 -1.04 18.61 -17.63
N ALA A 76 -0.06 18.97 -16.80
CA ALA A 76 1.28 19.20 -17.33
C ALA A 76 1.91 17.91 -17.80
N LEU A 77 1.62 16.82 -17.08
CA LEU A 77 2.02 15.49 -17.51
C LEU A 77 1.35 15.14 -18.83
N SER A 78 0.06 15.45 -18.96
CA SER A 78 -0.65 15.18 -20.21
C SER A 78 -0.05 15.97 -21.37
N ALA A 79 0.28 17.24 -21.14
CA ALA A 79 0.83 18.05 -22.24
C ALA A 79 2.16 17.48 -22.72
N GLY A 80 3.02 17.05 -21.79
CA GLY A 80 4.28 16.46 -22.19
C GLY A 80 4.10 15.15 -22.93
N LEU A 81 3.22 14.29 -22.41
CA LEU A 81 2.91 13.05 -23.11
C LEU A 81 2.38 13.32 -24.51
N ARG A 82 1.41 14.23 -24.63
CA ARG A 82 0.80 14.49 -25.92
C ARG A 82 1.75 15.24 -26.86
N ALA A 83 2.63 16.08 -26.34
CA ALA A 83 3.65 16.65 -27.22
C ALA A 83 4.59 15.58 -27.77
N SER A 84 4.69 14.44 -27.09
CA SER A 84 5.51 13.31 -27.51
C SER A 84 4.69 12.24 -28.24
N GLY A 85 3.53 12.59 -28.78
CA GLY A 85 2.76 11.66 -29.60
C GLY A 85 2.11 10.52 -28.83
N ARG A 86 1.83 10.71 -27.55
CA ARG A 86 1.16 9.71 -26.74
C ARG A 86 -0.28 10.13 -26.48
N ASP A 87 -1.23 9.30 -26.90
CA ASP A 87 -2.61 9.47 -26.44
C ASP A 87 -2.67 9.37 -24.92
N VAL A 88 -3.49 10.20 -24.31
CA VAL A 88 -3.66 10.24 -22.87
C VAL A 88 -5.10 9.85 -22.53
N ILE A 89 -5.24 8.99 -21.54
CA ILE A 89 -6.53 8.57 -21.02
C ILE A 89 -6.68 9.16 -19.62
N ASP A 90 -7.51 10.19 -19.51
CA ASP A 90 -7.73 10.91 -18.25
C ASP A 90 -8.84 10.18 -17.48
N ILE A 91 -8.46 9.43 -16.44
CA ILE A 91 -9.49 8.79 -15.62
C ILE A 91 -9.92 9.67 -14.45
N GLY A 92 -9.36 10.89 -14.34
CA GLY A 92 -9.87 11.88 -13.40
C GLY A 92 -9.46 11.65 -11.94
N LEU A 93 -10.19 12.30 -11.05
CA LEU A 93 -9.98 12.12 -9.62
C LEU A 93 -10.27 10.66 -9.24
N CYS A 94 -9.29 9.98 -8.65
CA CYS A 94 -9.39 8.53 -8.47
C CYS A 94 -8.45 8.08 -7.36
N GLY A 95 -8.47 6.79 -7.08
CA GLY A 95 -7.46 6.17 -6.25
C GLY A 95 -6.29 5.65 -7.05
N THR A 96 -5.13 5.57 -6.39
CA THR A 96 -3.94 5.00 -7.02
C THR A 96 -4.21 3.63 -7.65
N GLU A 97 -5.08 2.83 -7.01
CA GLU A 97 -5.39 1.51 -7.56
C GLU A 97 -6.18 1.58 -8.86
N GLU A 98 -6.92 2.68 -9.10
CA GLU A 98 -7.67 2.81 -10.34
C GLU A 98 -6.75 3.13 -11.51
N VAL A 99 -5.65 3.83 -11.26
CA VAL A 99 -4.64 3.98 -12.31
C VAL A 99 -4.02 2.62 -12.63
N TYR A 100 -3.73 1.81 -11.60
CA TYR A 100 -3.22 0.47 -11.87
C TYR A 100 -4.22 -0.33 -12.67
N PHE A 101 -5.48 -0.35 -12.22
CA PHE A 101 -6.49 -1.17 -12.87
C PHE A 101 -6.75 -0.73 -14.29
N GLN A 102 -6.92 0.58 -14.50
CA GLN A 102 -7.24 1.07 -15.84
C GLN A 102 -6.05 0.91 -16.79
N THR A 103 -4.83 1.06 -16.27
CA THR A 103 -3.63 0.79 -17.09
C THR A 103 -3.64 -0.65 -17.58
N ASP A 104 -3.92 -1.59 -16.68
CA ASP A 104 -3.92 -2.98 -17.11
C ASP A 104 -5.15 -3.32 -17.95
N TYR A 105 -6.33 -2.87 -17.50
CA TYR A 105 -7.58 -3.28 -18.14
C TYR A 105 -7.70 -2.73 -19.55
N LEU A 106 -7.35 -1.47 -19.75
CA LEU A 106 -7.36 -0.86 -21.08
C LEU A 106 -6.12 -1.20 -21.91
N LYS A 107 -5.23 -2.04 -21.38
CA LYS A 107 -4.02 -2.46 -22.08
C LYS A 107 -3.20 -1.25 -22.52
N ALA A 108 -3.02 -0.32 -21.59
CA ALA A 108 -2.28 0.89 -21.84
C ALA A 108 -0.78 0.61 -21.83
N ALA A 109 -0.01 1.48 -22.50
CA ALA A 109 1.44 1.44 -22.39
C ALA A 109 1.93 1.79 -20.99
N GLY A 110 1.14 2.48 -20.18
CA GLY A 110 1.56 2.85 -18.84
C GLY A 110 0.58 3.82 -18.21
N GLY A 111 0.94 4.29 -17.02
CA GLY A 111 0.04 5.12 -16.24
C GLY A 111 0.81 5.88 -15.19
N VAL A 112 0.29 7.05 -14.84
CA VAL A 112 0.81 7.84 -13.73
C VAL A 112 -0.35 8.23 -12.81
N MET A 113 -0.17 8.03 -11.51
CA MET A 113 -1.03 8.59 -10.48
C MET A 113 -0.33 9.79 -9.87
N VAL A 114 -1.02 10.92 -9.82
CA VAL A 114 -0.52 12.11 -9.15
C VAL A 114 -1.06 12.06 -7.72
N THR A 115 -0.18 11.81 -6.76
CA THR A 115 -0.62 11.61 -5.39
C THR A 115 0.49 12.00 -4.42
N ALA A 116 0.09 12.66 -3.34
CA ALA A 116 1.02 13.20 -2.36
C ALA A 116 1.08 12.29 -1.14
N HIS A 118 0.81 11.07 2.14
CA HIS A 118 0.53 11.79 3.37
C HIS A 118 1.68 12.73 3.74
N ASN A 119 2.38 13.20 2.71
CA ASN A 119 3.35 14.26 2.87
C ASN A 119 2.62 15.58 3.15
N PRO A 120 3.33 16.60 3.67
CA PRO A 120 2.67 17.86 4.05
C PRO A 120 1.94 18.56 2.89
N MET A 121 1.27 19.68 3.22
CA MET A 121 0.37 20.35 2.29
C MET A 121 1.08 20.91 1.07
N ASP A 122 2.34 21.31 1.21
CA ASP A 122 3.13 21.85 0.11
C ASP A 122 3.89 20.77 -0.67
N TYR A 123 3.52 19.51 -0.49
CA TYR A 123 4.16 18.39 -1.17
C TYR A 123 3.19 17.76 -2.17
N ASN A 124 3.75 17.18 -3.22
CA ASN A 124 2.98 16.31 -4.09
C ASN A 124 3.92 15.25 -4.66
N GLY A 125 3.42 14.45 -5.58
CA GLY A 125 4.23 13.38 -6.13
C GLY A 125 3.51 12.59 -7.19
N MET A 126 4.17 11.53 -7.65
CA MET A 126 3.65 10.68 -8.72
C MET A 126 4.13 9.25 -8.54
N LYS A 127 3.24 8.31 -8.85
CA LYS A 127 3.59 6.90 -8.96
C LYS A 127 3.35 6.45 -10.39
N LEU A 128 4.37 5.86 -10.99
CA LEU A 128 4.38 5.57 -12.42
C LEU A 128 4.46 4.08 -12.66
N VAL A 129 3.71 3.60 -13.66
CA VAL A 129 3.69 2.19 -14.05
C VAL A 129 3.75 2.11 -15.57
N ARG A 130 4.25 0.97 -16.06
CA ARG A 130 4.25 0.65 -17.48
C ARG A 130 3.17 -0.38 -17.75
N GLU A 131 3.38 -1.26 -18.73
CA GLU A 131 2.34 -2.17 -19.16
C GLU A 131 1.95 -3.12 -18.03
N GLN A 132 0.67 -3.46 -17.98
CA GLN A 132 0.09 -4.31 -16.94
C GLN A 132 0.29 -3.73 -15.54
N ALA A 133 0.48 -2.41 -15.43
CA ALA A 133 0.69 -1.72 -14.15
C ALA A 133 1.95 -2.22 -13.44
N ARG A 134 2.94 -2.65 -14.21
CA ARG A 134 4.22 -3.04 -13.61
C ARG A 134 4.90 -1.79 -13.09
N PRO A 135 5.43 -1.80 -11.88
CA PRO A 135 5.98 -0.58 -11.29
C PRO A 135 7.18 -0.05 -12.07
N ILE A 136 7.31 1.28 -12.09
CA ILE A 136 8.52 1.93 -12.59
C ILE A 136 9.25 2.52 -11.39
N SER A 137 10.41 1.94 -11.07
CA SER A 137 11.20 2.26 -9.88
C SER A 137 12.57 2.75 -10.32
N SER A 138 13.37 3.20 -9.35
CA SER A 138 14.64 3.86 -9.66
C SER A 138 15.49 3.02 -10.59
N ASP A 139 15.60 1.73 -10.32
CA ASP A 139 16.41 0.82 -11.13
C ASP A 139 15.64 0.19 -12.28
N THR A 140 14.37 0.54 -12.45
CA THR A 140 13.55 0.02 -13.54
C THR A 140 12.95 1.15 -14.37
N GLY A 141 13.66 2.27 -14.50
CA GLY A 141 13.29 3.35 -15.40
C GLY A 141 13.08 4.69 -14.74
N LEU A 142 12.85 4.76 -13.43
CA LEU A 142 12.57 6.04 -12.78
C LEU A 142 13.79 6.96 -12.76
N PHE A 143 14.98 6.42 -12.47
CA PHE A 143 16.17 7.26 -12.53
C PHE A 143 16.57 7.59 -13.97
N ALA A 144 16.28 6.69 -14.93
CA ALA A 144 16.48 7.06 -16.32
C ALA A 144 15.63 8.25 -16.69
N ILE A 145 14.38 8.25 -16.23
CA ILE A 145 13.51 9.40 -16.43
C ILE A 145 14.09 10.63 -15.74
N ARG A 146 14.47 10.48 -14.47
CA ARG A 146 15.12 11.58 -13.75
C ARG A 146 16.28 12.16 -14.55
N ASP A 147 17.15 11.31 -15.10
CA ASP A 147 18.31 11.82 -15.84
C ASP A 147 17.88 12.54 -17.11
N THR A 148 16.91 11.98 -17.83
CA THR A 148 16.41 12.67 -19.01
C THR A 148 15.80 14.01 -18.63
N VAL A 149 15.03 14.03 -17.55
CA VAL A 149 14.42 15.28 -17.10
C VAL A 149 15.49 16.29 -16.70
N ALA A 150 16.57 15.81 -16.07
CA ALA A 150 17.62 16.71 -15.59
C ALA A 150 18.30 17.44 -16.74
N ALA A 151 18.42 16.80 -17.90
CA ALA A 151 19.16 17.38 -19.02
C ALA A 151 18.27 17.95 -20.11
N ASP A 152 16.95 17.95 -19.93
CA ASP A 152 16.02 18.36 -20.98
C ASP A 152 15.88 19.88 -20.95
N THR A 153 16.59 20.57 -21.85
CA THR A 153 16.43 22.00 -22.03
C THR A 153 15.75 22.34 -23.35
N ALA A 154 15.14 21.34 -23.99
CA ALA A 154 14.41 21.56 -25.22
C ALA A 154 13.15 22.39 -24.95
N ALA A 155 12.77 23.19 -25.94
CA ALA A 155 11.54 23.96 -25.84
C ALA A 155 10.34 23.01 -25.81
N PRO A 156 9.31 23.31 -25.02
CA PRO A 156 8.13 22.44 -25.02
C PRO A 156 7.55 22.35 -26.42
N GLY A 157 7.28 21.13 -26.86
CA GLY A 157 6.67 20.92 -28.15
C GLY A 157 5.17 21.08 -28.07
N GLU A 158 4.56 20.97 -29.18
CA GLU A 158 3.12 21.13 -29.15
C GLU A 158 2.43 19.77 -29.31
N PRO A 159 1.21 19.62 -28.78
CA PRO A 159 0.58 18.29 -28.73
C PRO A 159 0.30 17.74 -30.12
N THR A 160 0.72 16.50 -30.34
CA THR A 160 0.43 15.79 -31.57
C THR A 160 -0.51 14.61 -31.34
N ALA A 161 -0.91 14.36 -30.10
CA ALA A 161 -1.87 13.32 -29.78
C ALA A 161 -3.00 13.94 -28.95
N SER A 162 -4.01 13.12 -28.67
CA SER A 162 -5.25 13.58 -28.08
C SER A 162 -5.39 13.09 -26.65
N GLU A 163 -6.27 13.76 -25.90
CA GLU A 163 -6.66 13.33 -24.57
C GLU A 163 -8.12 12.88 -24.63
N GLN A 164 -8.39 11.68 -24.11
CA GLN A 164 -9.75 11.19 -23.90
C GLN A 164 -10.03 11.13 -22.40
N SER A 165 -11.23 11.52 -22.01
CA SER A 165 -11.67 11.48 -20.62
C SER A 165 -12.57 10.26 -20.42
N ARG A 166 -12.12 9.32 -19.59
CA ARG A 166 -12.85 8.08 -19.32
C ARG A 166 -13.14 8.03 -17.83
N THR A 167 -14.28 8.59 -17.43
CA THR A 167 -14.71 8.62 -16.04
C THR A 167 -15.38 7.33 -15.59
N ASP A 168 -15.85 6.51 -16.54
CA ASP A 168 -16.62 5.30 -16.26
C ASP A 168 -15.82 4.33 -15.42
N LYS A 169 -16.34 4.02 -14.22
CA LYS A 169 -15.71 3.08 -13.31
C LYS A 169 -16.38 1.70 -13.30
N THR A 170 -17.29 1.43 -14.25
CA THR A 170 -18.09 0.19 -14.22
C THR A 170 -17.22 -1.06 -14.18
N ALA A 171 -16.24 -1.15 -15.09
CA ALA A 171 -15.35 -2.30 -15.08
C ALA A 171 -14.58 -2.40 -13.75
N TYR A 172 -14.12 -1.27 -13.22
CA TYR A 172 -13.40 -1.28 -11.94
C TYR A 172 -14.30 -1.77 -10.81
N LEU A 173 -15.49 -1.18 -10.69
CA LEU A 173 -16.44 -1.59 -9.66
C LEU A 173 -16.88 -3.05 -9.86
N GLU A 174 -17.14 -3.46 -11.10
CA GLU A 174 -17.49 -4.86 -11.31
C GLU A 174 -16.36 -5.77 -10.88
N HIS A 175 -15.11 -5.35 -11.10
CA HIS A 175 -13.99 -6.19 -10.73
C HIS A 175 -13.88 -6.33 -9.20
N LEU A 176 -14.06 -5.22 -8.46
CA LEU A 176 -14.06 -5.28 -7.00
C LEU A 176 -15.10 -6.24 -6.46
N LEU A 177 -16.31 -6.21 -7.02
CA LEU A 177 -17.40 -7.03 -6.51
C LEU A 177 -17.23 -8.51 -6.83
N SER A 178 -16.43 -8.85 -7.86
CA SER A 178 -16.23 -10.24 -8.22
C SER A 178 -15.44 -11.03 -7.18
N TYR A 179 -14.82 -10.36 -6.21
CA TYR A 179 -14.08 -11.09 -5.20
C TYR A 179 -14.98 -11.69 -4.11
N VAL A 180 -16.25 -11.30 -4.05
CA VAL A 180 -17.14 -11.82 -3.01
C VAL A 180 -18.41 -12.38 -3.65
N ASP A 181 -19.04 -13.30 -2.91
CA ASP A 181 -20.32 -13.89 -3.28
C ASP A 181 -21.41 -13.04 -2.64
N ARG A 182 -21.95 -12.10 -3.42
CA ARG A 182 -22.84 -11.09 -2.85
C ARG A 182 -24.06 -11.70 -2.17
N SER A 183 -24.45 -12.91 -2.55
CA SER A 183 -25.59 -13.53 -1.89
C SER A 183 -25.26 -14.12 -0.52
N THR A 184 -23.98 -14.20 -0.14
CA THR A 184 -23.60 -14.65 1.21
C THR A 184 -23.33 -13.49 2.15
N LEU A 185 -23.39 -12.26 1.65
CA LEU A 185 -23.10 -11.08 2.45
C LEU A 185 -24.27 -10.75 3.37
N LYS A 186 -23.96 -10.46 4.63
CA LYS A 186 -24.97 -10.05 5.58
C LYS A 186 -24.95 -8.54 5.75
N PRO A 187 -26.06 -7.95 6.23
CA PRO A 187 -26.12 -6.48 6.37
C PRO A 187 -25.30 -5.95 7.55
N LEU A 188 -24.01 -6.21 7.52
CA LEU A 188 -23.09 -5.70 8.52
C LEU A 188 -23.13 -4.18 8.61
N LYS A 189 -22.85 -3.67 9.80
CA LYS A 189 -22.73 -2.24 10.02
C LYS A 189 -21.26 -1.89 10.04
N LEU A 190 -20.81 -1.11 9.06
CA LEU A 190 -19.39 -0.84 8.85
C LEU A 190 -19.14 0.65 8.91
N VAL A 191 -18.25 1.07 9.81
CA VAL A 191 -17.75 2.45 9.75
C VAL A 191 -16.76 2.56 8.59
N VAL A 192 -16.87 3.65 7.84
CA VAL A 192 -15.95 3.93 6.75
C VAL A 192 -15.41 5.34 6.92
N ASN A 193 -14.08 5.48 6.92
CA ASN A 193 -13.39 6.72 7.22
C ASN A 193 -12.43 6.97 6.07
N ALA A 194 -12.83 7.83 5.13
CA ALA A 194 -11.96 8.19 4.03
C ALA A 194 -10.92 9.23 4.43
N GLY A 195 -11.03 9.83 5.61
CA GLY A 195 -10.11 10.87 6.03
C GLY A 195 -10.12 12.08 5.13
N ASN A 196 -11.24 12.34 4.45
CA ASN A 196 -11.36 13.37 3.42
C ASN A 196 -10.45 13.09 2.21
N GLY A 197 -9.94 11.87 2.11
CA GLY A 197 -9.28 11.40 0.90
C GLY A 197 -10.29 10.99 -0.15
N GLY A 198 -9.92 10.02 -0.97
CA GLY A 198 -10.80 9.67 -2.07
C GLY A 198 -11.65 8.43 -1.88
N ALA A 199 -11.46 7.67 -0.80
CA ALA A 199 -12.07 6.35 -0.74
C ALA A 199 -13.59 6.39 -0.69
N GLY A 200 -14.17 7.47 -0.17
CA GLY A 200 -15.62 7.48 -0.01
C GLY A 200 -16.39 7.51 -1.32
N LEU A 201 -15.76 8.04 -2.36
N LEU A 201 -15.78 8.07 -2.37
CA LEU A 201 -16.42 8.04 -3.67
CA LEU A 201 -16.42 8.02 -3.68
C LEU A 201 -16.55 6.62 -4.23
C LEU A 201 -16.61 6.57 -4.11
N ILE A 202 -15.58 5.75 -3.98
CA ILE A 202 -15.72 4.34 -4.38
C ILE A 202 -16.70 3.63 -3.45
N VAL A 203 -16.66 3.95 -2.15
CA VAL A 203 -17.59 3.33 -1.22
C VAL A 203 -19.03 3.58 -1.64
N ASP A 204 -19.33 4.82 -2.03
CA ASP A 204 -20.70 5.19 -2.36
C ASP A 204 -21.15 4.53 -3.65
N LEU A 205 -20.22 4.26 -4.56
CA LEU A 205 -20.59 3.56 -5.78
C LEU A 205 -20.76 2.06 -5.54
N LEU A 206 -20.03 1.51 -4.57
CA LEU A 206 -20.22 0.10 -4.25
C LEU A 206 -21.52 -0.13 -3.49
N ALA A 207 -21.93 0.83 -2.66
CA ALA A 207 -22.99 0.60 -1.69
C ALA A 207 -24.32 0.14 -2.29
N PRO A 208 -24.77 0.60 -3.47
CA PRO A 208 -26.03 0.07 -4.02
C PRO A 208 -26.01 -1.40 -4.34
N HIS A 209 -24.82 -2.01 -4.43
CA HIS A 209 -24.69 -3.43 -4.75
C HIS A 209 -24.32 -4.26 -3.53
N LEU A 210 -24.41 -3.68 -2.34
CA LEU A 210 -23.99 -4.31 -1.10
C LEU A 210 -25.06 -4.14 -0.04
N PRO A 211 -25.19 -5.09 0.88
CA PRO A 211 -26.23 -4.96 1.92
C PRO A 211 -25.78 -4.27 3.20
N PHE A 212 -24.54 -3.79 3.30
CA PHE A 212 -24.07 -3.27 4.58
C PHE A 212 -24.66 -1.89 4.87
N GLU A 213 -24.73 -1.58 6.15
CA GLU A 213 -25.09 -0.25 6.61
C GLU A 213 -23.80 0.52 6.89
N PHE A 214 -23.60 1.62 6.19
CA PHE A 214 -22.37 2.37 6.28
C PHE A 214 -22.54 3.55 7.23
N VAL A 215 -21.59 3.69 8.16
CA VAL A 215 -21.45 4.87 8.99
C VAL A 215 -20.26 5.63 8.43
N ARG A 216 -20.54 6.73 7.72
CA ARG A 216 -19.53 7.48 6.99
C ARG A 216 -18.91 8.55 7.89
N VAL A 217 -17.58 8.53 8.02
CA VAL A 217 -16.82 9.48 8.83
C VAL A 217 -15.79 10.14 7.95
N PHE A 218 -15.61 11.45 8.11
CA PHE A 218 -14.67 12.25 7.31
C PHE A 218 -14.78 11.85 5.83
N HIS A 219 -16.01 11.83 5.36
CA HIS A 219 -16.34 11.14 4.13
C HIS A 219 -16.05 11.98 2.88
N GLU A 220 -16.21 13.28 2.94
CA GLU A 220 -16.17 14.10 1.72
C GLU A 220 -14.73 14.39 1.31
N PRO A 221 -14.39 14.25 0.03
CA PRO A 221 -13.06 14.67 -0.43
C PRO A 221 -12.84 16.15 -0.16
N ASP A 222 -11.67 16.48 0.40
CA ASP A 222 -11.35 17.88 0.71
C ASP A 222 -9.83 18.00 0.83
N GLY A 223 -9.19 18.47 -0.24
CA GLY A 223 -7.74 18.65 -0.26
C GLY A 223 -7.22 19.67 0.72
N ASN A 224 -8.10 20.44 1.37
CA ASN A 224 -7.64 21.26 2.48
C ASN A 224 -7.46 20.46 3.75
N PHE A 225 -8.05 19.26 3.81
CA PHE A 225 -7.92 18.31 4.90
C PHE A 225 -8.25 18.98 6.23
N PRO A 226 -9.51 19.35 6.43
CA PRO A 226 -9.88 20.01 7.70
C PRO A 226 -9.66 19.12 8.90
N ASN A 227 -9.72 17.80 8.74
CA ASN A 227 -9.49 16.88 9.85
C ASN A 227 -8.09 16.28 9.83
N GLY A 228 -7.16 16.90 9.12
CA GLY A 228 -5.80 16.40 9.04
C GLY A 228 -5.57 15.54 7.81
N ILE A 229 -4.29 15.44 7.44
CA ILE A 229 -3.91 14.63 6.28
C ILE A 229 -4.23 13.17 6.55
N PRO A 230 -4.77 12.42 5.57
CA PRO A 230 -5.20 11.04 5.82
C PRO A 230 -4.06 10.12 6.24
N ASN A 231 -4.10 9.68 7.48
CA ASN A 231 -3.10 8.76 7.98
C ASN A 231 -3.68 8.03 9.18
N PRO A 232 -4.36 6.90 8.96
CA PRO A 232 -5.02 6.19 10.07
C PRO A 232 -4.05 5.61 11.11
N LEU A 233 -2.74 5.67 10.88
CA LEU A 233 -1.79 5.16 11.86
C LEU A 233 -1.57 6.14 13.01
N LEU A 234 -1.59 7.44 12.74
CA LEU A 234 -1.49 8.45 13.79
C LEU A 234 -2.58 8.25 14.83
N PRO A 235 -2.24 8.18 16.12
CA PRO A 235 -3.26 7.81 17.13
C PRO A 235 -4.47 8.72 17.15
N GLU A 236 -4.32 10.01 16.84
CA GLU A 236 -5.45 10.93 16.82
C GLU A 236 -6.42 10.60 15.69
N ASN A 237 -5.89 10.24 14.51
CA ASN A 237 -6.74 9.79 13.41
C ASN A 237 -7.29 8.39 13.65
N ARG A 238 -6.47 7.51 14.23
CA ARG A 238 -6.92 6.18 14.62
C ARG A 238 -8.18 6.26 15.48
N ASP A 239 -8.23 7.22 16.41
CA ASP A 239 -9.30 7.24 17.40
C ASP A 239 -10.62 7.68 16.80
N ALA A 240 -10.61 8.50 15.75
CA ALA A 240 -11.86 8.92 15.12
C ALA A 240 -12.60 7.73 14.53
N THR A 241 -11.89 6.76 13.96
CA THR A 241 -12.56 5.53 13.51
C THR A 241 -13.03 4.68 14.68
N ALA A 242 -12.14 4.46 15.66
CA ALA A 242 -12.48 3.66 16.84
C ALA A 242 -13.72 4.18 17.54
N LYS A 243 -13.81 5.51 17.72
CA LYS A 243 -14.96 6.12 18.37
C LYS A 243 -16.24 5.92 17.56
N ALA A 244 -16.16 6.05 16.24
CA ALA A 244 -17.32 5.79 15.39
C ALA A 244 -17.79 4.35 15.52
N VAL A 245 -16.86 3.40 15.61
CA VAL A 245 -17.25 1.99 15.69
C VAL A 245 -17.93 1.69 17.02
N LYS A 246 -17.31 2.12 18.13
CA LYS A 246 -17.88 1.82 19.44
C LYS A 246 -19.23 2.53 19.64
N ASP A 247 -19.34 3.78 19.19
CA ASP A 247 -20.53 4.60 19.44
C ASP A 247 -21.72 4.14 18.63
N ASN A 248 -21.49 3.51 17.47
CA ASN A 248 -22.56 3.04 16.62
C ASN A 248 -22.73 1.53 16.67
N GLY A 249 -22.01 0.86 17.55
CA GLY A 249 -22.03 -0.60 17.58
C GLY A 249 -21.76 -1.20 16.22
N ALA A 250 -20.78 -0.66 15.51
CA ALA A 250 -20.52 -1.17 14.17
C ALA A 250 -19.83 -2.52 14.27
N ASP A 251 -20.00 -3.33 13.22
CA ASP A 251 -19.36 -4.64 13.22
C ASP A 251 -17.85 -4.51 13.11
N PHE A 252 -17.38 -3.59 12.29
CA PHE A 252 -15.97 -3.20 12.26
C PHE A 252 -15.88 -1.89 11.46
N GLY A 253 -14.68 -1.30 11.45
CA GLY A 253 -14.46 -0.04 10.78
C GLY A 253 -13.27 -0.14 9.84
N ILE A 254 -13.27 0.73 8.84
CA ILE A 254 -12.23 0.78 7.81
C ILE A 254 -11.85 2.22 7.60
N ALA A 255 -10.56 2.50 7.61
CA ALA A 255 -10.04 3.81 7.29
C ALA A 255 -8.98 3.63 6.21
N TRP A 256 -8.81 4.66 5.38
CA TRP A 256 -7.87 4.59 4.28
C TRP A 256 -6.89 5.76 4.37
N ASP A 257 -5.79 5.64 3.64
CA ASP A 257 -4.98 6.81 3.34
C ASP A 257 -5.65 7.59 2.19
N GLY A 258 -5.01 8.70 1.80
CA GLY A 258 -5.66 9.62 0.86
C GLY A 258 -5.97 8.99 -0.49
N ASP A 259 -5.00 8.26 -1.04
CA ASP A 259 -5.18 7.63 -2.34
C ASP A 259 -5.69 6.20 -2.19
N PHE A 260 -6.22 5.89 -1.01
CA PHE A 260 -6.77 4.62 -0.54
C PHE A 260 -6.19 3.34 -1.14
N ASP A 261 -4.88 3.32 -1.45
CA ASP A 261 -4.25 2.02 -1.68
C ASP A 261 -3.86 1.32 -0.38
N ARG A 262 -4.10 1.95 0.77
CA ARG A 262 -3.87 1.36 2.08
C ARG A 262 -5.14 1.40 2.89
N CYS A 263 -5.46 0.29 3.56
CA CYS A 263 -6.64 0.23 4.41
C CYS A 263 -6.28 -0.30 5.78
N PHE A 264 -7.12 0.05 6.75
CA PHE A 264 -6.82 -0.14 8.16
C PHE A 264 -8.10 -0.57 8.84
N PHE A 265 -8.00 -1.63 9.66
CA PHE A 265 -9.19 -2.30 10.17
C PHE A 265 -9.29 -2.14 11.68
N PHE A 266 -10.52 -1.93 12.14
CA PHE A 266 -10.85 -1.76 13.54
C PHE A 266 -11.96 -2.74 13.85
N ASP A 267 -11.78 -3.56 14.90
CA ASP A 267 -12.81 -4.53 15.22
C ASP A 267 -13.95 -3.84 15.99
N HIS A 268 -14.97 -4.63 16.35
CA HIS A 268 -16.16 -4.09 17.00
C HIS A 268 -15.89 -3.47 18.36
N THR A 269 -14.71 -3.69 18.96
CA THR A 269 -14.35 -3.05 20.22
C THR A 269 -13.65 -1.71 20.01
N GLY A 270 -13.52 -1.26 18.76
CA GLY A 270 -12.73 -0.11 18.40
C GLY A 270 -11.25 -0.36 18.27
N ARG A 271 -10.78 -1.58 18.54
CA ARG A 271 -9.35 -1.88 18.55
C ARG A 271 -8.81 -1.92 17.13
N PHE A 272 -7.77 -1.14 16.87
CA PHE A 272 -7.13 -1.20 15.57
C PHE A 272 -6.35 -2.50 15.46
N ILE A 273 -6.53 -3.21 14.35
CA ILE A 273 -5.90 -4.50 14.12
C ILE A 273 -4.58 -4.29 13.42
N GLU A 274 -3.51 -4.77 14.03
CA GLU A 274 -2.17 -4.63 13.47
C GLU A 274 -2.09 -5.34 12.12
N GLY A 275 -1.54 -4.62 11.12
CA GLY A 275 -1.60 -5.09 9.75
C GLY A 275 -1.04 -6.48 9.54
N TYR A 276 -0.06 -6.87 10.35
CA TYR A 276 0.52 -8.20 10.25
C TYR A 276 -0.56 -9.29 10.19
N TYR A 277 -1.58 -9.20 11.05
CA TYR A 277 -2.56 -10.28 11.14
C TYR A 277 -3.54 -10.28 9.98
N LEU A 278 -3.62 -9.16 9.25
CA LEU A 278 -4.50 -9.12 8.10
C LEU A 278 -3.94 -9.94 6.93
N VAL A 279 -2.62 -10.09 6.84
CA VAL A 279 -2.02 -10.92 5.79
C VAL A 279 -2.48 -12.38 5.92
N GLY A 280 -2.32 -12.97 7.10
CA GLY A 280 -2.79 -14.34 7.29
C GLY A 280 -4.30 -14.44 7.16
N LEU A 281 -5.03 -13.42 7.63
CA LEU A 281 -6.48 -13.45 7.52
C LEU A 281 -6.92 -13.39 6.06
N LEU A 282 -6.38 -12.45 5.29
CA LEU A 282 -6.78 -12.34 3.90
C LEU A 282 -6.36 -13.57 3.10
N ALA A 283 -5.24 -14.18 3.48
CA ALA A 283 -4.79 -15.37 2.77
C ALA A 283 -5.73 -16.55 3.00
N GLN A 284 -6.27 -16.67 4.22
CA GLN A 284 -7.30 -17.68 4.45
C GLN A 284 -8.55 -17.39 3.62
N ALA A 285 -8.95 -16.12 3.56
CA ALA A 285 -10.10 -15.73 2.75
C ALA A 285 -9.89 -16.11 1.29
N ILE A 286 -8.76 -15.71 0.72
CA ILE A 286 -8.49 -15.97 -0.69
C ILE A 286 -8.34 -17.47 -0.95
N LEU A 287 -7.60 -18.16 -0.09
CA LEU A 287 -7.31 -19.57 -0.37
C LEU A 287 -8.53 -20.46 -0.24
N ALA A 288 -9.63 -19.96 0.35
CA ALA A 288 -10.86 -20.74 0.38
C ALA A 288 -11.47 -20.88 -1.03
N LYS A 289 -11.23 -19.92 -1.91
CA LYS A 289 -11.72 -19.98 -3.28
C LYS A 289 -10.67 -20.44 -4.28
N GLN A 290 -9.38 -20.27 -3.97
CA GLN A 290 -8.27 -20.59 -4.86
C GLN A 290 -7.37 -21.61 -4.18
N PRO A 291 -7.80 -22.86 -4.08
CA PRO A 291 -7.04 -23.86 -3.33
C PRO A 291 -5.66 -24.13 -3.91
N GLY A 292 -4.71 -24.46 -3.03
CA GLY A 292 -3.35 -24.76 -3.40
C GLY A 292 -2.51 -23.58 -3.85
N GLY A 293 -3.04 -22.35 -3.75
CA GLY A 293 -2.34 -21.20 -4.28
C GLY A 293 -1.13 -20.80 -3.44
N LYS A 294 -0.27 -20.00 -4.05
CA LYS A 294 0.88 -19.43 -3.37
C LYS A 294 0.55 -18.02 -2.87
N VAL A 295 1.15 -17.68 -1.72
CA VAL A 295 0.96 -16.40 -1.06
C VAL A 295 2.32 -15.81 -0.77
N VAL A 296 2.52 -14.57 -1.20
CA VAL A 296 3.77 -13.85 -0.99
C VAL A 296 3.62 -12.98 0.25
N HIS A 297 4.68 -12.88 1.05
CA HIS A 297 4.68 -12.11 2.29
C HIS A 297 6.09 -11.59 2.50
N ASP A 298 6.23 -10.59 3.37
CA ASP A 298 7.54 -9.99 3.56
C ASP A 298 8.25 -10.66 4.74
N PRO A 299 9.52 -10.36 4.97
CA PRO A 299 10.26 -11.01 6.06
C PRO A 299 10.16 -10.32 7.42
N ARG A 300 9.50 -9.16 7.52
CA ARG A 300 9.47 -8.44 8.77
C ARG A 300 8.76 -9.22 9.86
N LEU A 301 7.59 -9.77 9.53
CA LEU A 301 6.83 -10.61 10.42
C LEU A 301 6.29 -11.79 9.61
N THR A 302 6.50 -13.02 10.12
CA THR A 302 6.36 -14.17 9.24
C THR A 302 5.59 -15.33 9.87
N TRP A 303 5.85 -15.67 11.13
CA TRP A 303 5.42 -16.98 11.66
C TRP A 303 3.92 -17.18 11.52
N ASN A 304 3.13 -16.15 11.86
CA ASN A 304 1.68 -16.29 11.73
C ASN A 304 1.25 -16.49 10.29
N THR A 305 1.84 -15.74 9.36
CA THR A 305 1.42 -15.86 7.98
C THR A 305 1.74 -17.24 7.45
N VAL A 306 2.95 -17.74 7.75
CA VAL A 306 3.36 -19.04 7.25
C VAL A 306 2.40 -20.12 7.73
N GLU A 307 1.98 -20.01 8.99
CA GLU A 307 1.12 -21.05 9.54
C GLU A 307 -0.30 -20.96 8.96
N GLN A 308 -0.87 -19.74 8.90
CA GLN A 308 -2.22 -19.61 8.37
C GLN A 308 -2.30 -20.05 6.90
N VAL A 309 -1.32 -19.60 6.09
CA VAL A 309 -1.30 -20.00 4.69
C VAL A 309 -1.20 -21.51 4.56
N GLU A 310 -0.25 -22.12 5.29
CA GLU A 310 -0.12 -23.57 5.24
C GLU A 310 -1.37 -24.26 5.75
N GLU A 311 -1.97 -23.73 6.81
CA GLU A 311 -3.17 -24.35 7.38
C GLU A 311 -4.32 -24.33 6.38
N ALA A 312 -4.38 -23.33 5.51
CA ALA A 312 -5.43 -23.18 4.50
C ALA A 312 -5.08 -23.84 3.17
N GLY A 313 -4.04 -24.67 3.14
CA GLY A 313 -3.66 -25.38 1.94
C GLY A 313 -2.75 -24.61 1.01
N GLY A 314 -2.34 -23.41 1.39
CA GLY A 314 -1.56 -22.56 0.51
C GLY A 314 -0.07 -22.80 0.65
N ILE A 315 0.69 -22.18 -0.24
CA ILE A 315 2.15 -22.25 -0.20
C ILE A 315 2.67 -20.85 0.13
N PRO A 316 3.33 -20.65 1.26
CA PRO A 316 3.87 -19.32 1.56
C PRO A 316 5.20 -19.12 0.87
N VAL A 317 5.42 -17.90 0.38
CA VAL A 317 6.58 -17.56 -0.45
C VAL A 317 7.19 -16.29 0.13
N LEU A 318 8.36 -16.42 0.77
CA LEU A 318 8.99 -15.28 1.42
C LEU A 318 9.61 -14.36 0.39
N CYS A 319 9.39 -13.06 0.56
CA CYS A 319 9.90 -12.07 -0.39
C CYS A 319 10.31 -10.81 0.35
N LYS A 320 11.42 -10.21 -0.08
CA LYS A 320 11.81 -8.87 0.32
C LYS A 320 10.62 -7.93 0.36
N SER A 321 10.57 -7.08 1.39
CA SER A 321 9.48 -6.11 1.47
C SER A 321 9.70 -4.99 0.47
N GLY A 322 8.60 -4.40 0.03
CA GLY A 322 8.63 -3.40 -1.02
C GLY A 322 7.71 -3.83 -2.14
N HIS A 323 6.85 -2.92 -2.59
CA HIS A 323 5.79 -3.29 -3.51
C HIS A 323 6.35 -3.78 -4.83
N ALA A 324 7.52 -3.31 -5.24
CA ALA A 324 8.09 -3.77 -6.51
C ALA A 324 8.61 -5.20 -6.39
N PHE A 325 9.24 -5.54 -5.26
CA PHE A 325 9.71 -6.91 -5.05
C PHE A 325 8.54 -7.87 -4.91
N ILE A 326 7.52 -7.48 -4.15
CA ILE A 326 6.38 -8.36 -3.93
C ILE A 326 5.70 -8.69 -5.25
N LYS A 327 5.50 -7.66 -6.09
CA LYS A 327 4.78 -7.85 -7.34
C LYS A 327 5.54 -8.78 -8.28
N GLU A 328 6.85 -8.55 -8.45
N GLU A 328 6.85 -8.53 -8.45
CA GLU A 328 7.61 -9.39 -9.36
CA GLU A 328 7.66 -9.37 -9.32
C GLU A 328 7.70 -10.83 -8.82
C GLU A 328 7.69 -10.81 -8.82
N LYS A 329 7.82 -11.00 -7.51
CA LYS A 329 7.77 -12.35 -6.95
C LYS A 329 6.41 -13.00 -7.18
N MET A 330 5.32 -12.22 -7.08
CA MET A 330 3.98 -12.77 -7.29
C MET A 330 3.82 -13.23 -8.74
N ARG A 331 4.29 -12.42 -9.69
CA ARG A 331 4.23 -12.79 -11.10
C ARG A 331 5.02 -14.05 -11.36
N SER A 332 6.25 -14.11 -10.85
CA SER A 332 7.13 -15.23 -11.16
C SER A 332 6.62 -16.54 -10.60
N GLU A 333 5.82 -16.50 -9.54
CA GLU A 333 5.30 -17.68 -8.87
C GLU A 333 3.83 -17.95 -9.19
N ASN A 334 3.16 -17.03 -9.88
CA ASN A 334 1.71 -17.11 -10.10
C ASN A 334 0.96 -17.11 -8.77
N ALA A 335 1.48 -16.36 -7.80
CA ALA A 335 0.82 -16.25 -6.50
C ALA A 335 -0.53 -15.55 -6.67
N VAL A 336 -1.56 -16.08 -6.00
CA VAL A 336 -2.88 -15.46 -6.08
C VAL A 336 -2.97 -14.18 -5.21
N TYR A 337 -2.18 -14.10 -4.13
CA TYR A 337 -2.28 -13.00 -3.18
C TYR A 337 -0.92 -12.73 -2.56
N GLY A 338 -0.57 -11.46 -2.44
CA GLY A 338 0.58 -11.06 -1.66
C GLY A 338 0.19 -10.05 -0.59
N GLY A 339 0.82 -10.17 0.57
CA GLY A 339 0.49 -9.31 1.69
C GLY A 339 1.70 -8.83 2.47
N GLU A 340 1.76 -7.52 2.76
CA GLU A 340 2.77 -6.96 3.64
C GLU A 340 2.13 -6.46 4.93
N MET A 341 2.89 -6.55 6.03
CA MET A 341 2.36 -6.13 7.32
CA MET A 341 2.39 -6.12 7.34
C MET A 341 2.06 -4.63 7.36
N SER A 342 2.55 -3.86 6.40
CA SER A 342 2.37 -2.41 6.39
C SER A 342 1.20 -1.97 5.52
N ALA A 343 0.10 -2.75 5.53
CA ALA A 343 -1.20 -2.33 4.99
C ALA A 343 -1.20 -2.30 3.47
N HIS A 344 -0.43 -3.17 2.84
CA HIS A 344 -0.39 -3.33 1.38
C HIS A 344 -0.83 -4.73 1.05
N HIS A 345 -1.86 -4.86 0.21
CA HIS A 345 -2.38 -6.16 -0.18
C HIS A 345 -2.53 -6.22 -1.69
N TYR A 346 -1.92 -7.23 -2.31
CA TYR A 346 -1.82 -7.34 -3.75
C TYR A 346 -2.57 -8.58 -4.24
N PHE A 347 -3.24 -8.46 -5.39
CA PHE A 347 -4.10 -9.52 -5.88
C PHE A 347 -3.78 -9.78 -7.34
N ARG A 348 -3.40 -11.04 -7.62
CA ARG A 348 -3.11 -11.48 -8.99
C ARG A 348 -4.18 -11.02 -9.97
N GLU A 349 -5.45 -11.28 -9.65
CA GLU A 349 -6.55 -10.93 -10.53
C GLU A 349 -6.63 -9.42 -10.77
N PHE A 350 -5.98 -8.62 -9.94
CA PHE A 350 -6.02 -7.16 -10.01
C PHE A 350 -4.72 -6.60 -10.62
N ALA A 351 -4.25 -7.18 -11.72
CA ALA A 351 -2.99 -6.75 -12.35
C ALA A 351 -1.79 -6.91 -11.41
N TYR A 352 -1.87 -7.85 -10.48
CA TYR A 352 -0.85 -8.04 -9.45
C TYR A 352 -0.63 -6.77 -8.64
N ALA A 353 -1.66 -5.92 -8.55
CA ALA A 353 -1.52 -4.59 -7.96
C ALA A 353 -2.19 -4.54 -6.60
N ASP A 354 -1.82 -3.55 -5.80
CA ASP A 354 -2.44 -3.42 -4.48
C ASP A 354 -3.77 -2.68 -4.60
N SER A 355 -4.65 -2.94 -3.62
CA SER A 355 -5.98 -2.35 -3.58
C SER A 355 -6.35 -2.10 -2.12
N GLY A 356 -6.93 -0.92 -1.87
CA GLY A 356 -7.48 -0.64 -0.57
C GLY A 356 -8.93 -1.02 -0.43
N MET A 357 -9.50 -1.57 -1.50
CA MET A 357 -10.91 -1.91 -1.54
C MET A 357 -11.15 -3.42 -1.45
N ILE A 358 -10.46 -4.22 -2.27
CA ILE A 358 -10.57 -5.67 -2.16
C ILE A 358 -10.44 -6.15 -0.72
N PRO A 359 -9.45 -5.71 0.08
CA PRO A 359 -9.29 -6.29 1.42
C PRO A 359 -10.54 -6.24 2.28
N TRP A 360 -11.21 -5.09 2.37
CA TRP A 360 -12.36 -5.01 3.28
C TRP A 360 -13.59 -5.69 2.68
N LEU A 361 -13.69 -5.82 1.36
CA LEU A 361 -14.73 -6.66 0.80
C LEU A 361 -14.53 -8.11 1.22
N LEU A 362 -13.29 -8.59 1.17
CA LEU A 362 -13.01 -9.97 1.56
C LEU A 362 -13.25 -10.19 3.06
N ILE A 363 -12.93 -9.19 3.88
CA ILE A 363 -13.17 -9.32 5.31
C ILE A 363 -14.66 -9.29 5.63
N ALA A 364 -15.41 -8.37 5.01
CA ALA A 364 -16.85 -8.37 5.24
C ALA A 364 -17.47 -9.70 4.81
N GLU A 365 -16.97 -10.27 3.70
CA GLU A 365 -17.47 -11.57 3.27
C GLU A 365 -17.14 -12.65 4.30
N LEU A 366 -15.94 -12.59 4.89
CA LEU A 366 -15.52 -13.60 5.84
C LEU A 366 -16.36 -13.54 7.12
N VAL A 367 -16.56 -12.34 7.66
CA VAL A 367 -17.41 -12.17 8.83
C VAL A 367 -18.82 -12.67 8.55
N SER A 368 -19.35 -12.34 7.37
CA SER A 368 -20.71 -12.76 6.99
C SER A 368 -20.83 -14.27 6.93
N GLN A 369 -19.87 -14.94 6.29
CA GLN A 369 -20.01 -16.38 6.06
C GLN A 369 -19.75 -17.17 7.33
N SER A 370 -18.76 -16.75 8.12
CA SER A 370 -18.33 -17.49 9.30
C SER A 370 -19.20 -17.26 10.52
N GLY A 371 -19.87 -16.12 10.59
CA GLY A 371 -20.59 -15.74 11.80
C GLY A 371 -19.70 -15.30 12.92
N ARG A 372 -18.42 -15.13 12.66
CA ARG A 372 -17.48 -14.71 13.68
C ARG A 372 -17.17 -13.22 13.52
N SER A 373 -17.00 -12.55 14.65
CA SER A 373 -16.60 -11.15 14.60
C SER A 373 -15.19 -11.05 14.03
N LEU A 374 -14.86 -9.86 13.52
CA LEU A 374 -13.47 -9.62 13.12
C LEU A 374 -12.53 -9.81 14.30
N ALA A 375 -12.94 -9.37 15.49
CA ALA A 375 -12.14 -9.55 16.70
C ALA A 375 -11.80 -11.02 16.92
N ASP A 376 -12.79 -11.90 16.83
CA ASP A 376 -12.53 -13.31 17.10
C ASP A 376 -11.74 -13.98 15.98
N LEU A 377 -11.85 -13.47 14.75
CA LEU A 377 -11.08 -14.02 13.64
C LEU A 377 -9.58 -13.84 13.85
N VAL A 378 -9.17 -12.81 14.59
CA VAL A 378 -7.74 -12.55 14.79
C VAL A 378 -7.26 -12.81 16.22
N GLU A 379 -8.16 -12.92 17.20
CA GLU A 379 -7.76 -12.90 18.61
C GLU A 379 -6.74 -13.99 18.92
N ALA A 380 -7.04 -15.24 18.56
CA ALA A 380 -6.12 -16.33 18.90
C ALA A 380 -4.81 -16.20 18.14
N ARG A 381 -4.84 -15.66 16.92
CA ARG A 381 -3.60 -15.44 16.18
C ARG A 381 -2.73 -14.42 16.89
N MET A 382 -3.33 -13.33 17.39
CA MET A 382 -2.55 -12.30 18.03
C MET A 382 -1.98 -12.78 19.35
N GLN A 383 -2.70 -13.65 20.06
CA GLN A 383 -2.13 -14.29 21.25
C GLN A 383 -1.04 -15.27 20.87
N LYS A 384 -1.18 -15.96 19.73
CA LYS A 384 -0.18 -16.98 19.40
C LYS A 384 1.11 -16.36 18.90
N PHE A 385 1.02 -15.25 18.17
CA PHE A 385 2.19 -14.60 17.59
C PHE A 385 2.11 -13.11 17.87
N PRO A 386 2.36 -12.71 19.12
CA PRO A 386 2.37 -11.28 19.44
C PRO A 386 3.58 -10.64 18.78
N CYS A 387 3.40 -9.41 18.34
CA CYS A 387 4.46 -8.69 17.65
C CYS A 387 4.57 -7.29 18.24
N SER A 388 5.76 -6.71 18.08
CA SER A 388 6.06 -5.39 18.62
C SER A 388 5.37 -4.28 17.84
N GLY A 389 4.93 -4.54 16.62
CA GLY A 389 4.67 -3.48 15.69
C GLY A 389 6.01 -2.97 15.17
N GLU A 390 5.95 -2.25 14.06
CA GLU A 390 7.17 -1.71 13.47
C GLU A 390 7.62 -0.47 14.24
N ILE A 391 8.85 -0.51 14.72
CA ILE A 391 9.41 0.56 15.52
C ILE A 391 10.58 1.15 14.74
N ASN A 392 10.58 2.47 14.56
CA ASN A 392 11.59 3.13 13.77
C ASN A 392 12.62 3.81 14.66
N PHE A 393 13.87 3.81 14.18
CA PHE A 393 15.01 4.39 14.89
C PHE A 393 15.78 5.27 13.92
N LYS A 394 15.89 6.57 14.24
CA LYS A 394 16.84 7.48 13.59
C LYS A 394 18.08 7.55 14.47
N VAL A 395 19.17 6.95 14.02
CA VAL A 395 20.39 6.80 14.78
C VAL A 395 21.50 7.54 14.04
N ALA A 396 22.60 7.79 14.76
CA ALA A 396 23.72 8.47 14.13
C ALA A 396 24.42 7.58 13.10
N ASP A 397 24.45 6.26 13.34
CA ASP A 397 25.21 5.36 12.48
C ASP A 397 24.44 4.03 12.40
N ALA A 398 23.66 3.87 11.32
CA ALA A 398 22.82 2.68 11.21
C ALA A 398 23.65 1.41 11.21
N LYS A 399 24.75 1.41 10.47
CA LYS A 399 25.56 0.19 10.36
C LYS A 399 26.18 -0.18 11.71
N ALA A 400 26.70 0.79 12.44
CA ALA A 400 27.27 0.51 13.75
C ALA A 400 26.20 0.05 14.72
N SER A 401 24.98 0.61 14.63
CA SER A 401 23.91 0.19 15.52
C SER A 401 23.50 -1.25 15.24
N VAL A 402 23.30 -1.60 13.96
CA VAL A 402 22.99 -2.98 13.60
C VAL A 402 24.07 -3.91 14.13
N ALA A 403 25.34 -3.53 13.97
CA ALA A 403 26.45 -4.35 14.44
C ALA A 403 26.40 -4.55 15.96
N ARG A 404 26.06 -3.49 16.70
CA ARG A 404 25.92 -3.60 18.15
C ARG A 404 24.84 -4.60 18.55
N VAL A 405 23.76 -4.69 17.76
CA VAL A 405 22.69 -5.65 18.07
C VAL A 405 23.14 -7.06 17.76
N MET A 406 23.75 -7.25 16.59
CA MET A 406 24.18 -8.59 16.19
C MET A 406 25.30 -9.09 17.09
N GLU A 407 26.23 -8.20 17.48
CA GLU A 407 27.29 -8.62 18.38
C GLU A 407 26.73 -9.12 19.70
N HIS A 408 25.70 -8.47 20.21
CA HIS A 408 25.15 -8.82 21.51
C HIS A 408 24.50 -10.20 21.49
N TYR A 409 23.87 -10.57 20.39
CA TYR A 409 23.08 -11.79 20.33
C TYR A 409 23.85 -12.98 19.76
N ALA A 410 25.11 -12.77 19.36
CA ALA A 410 25.82 -13.79 18.60
C ALA A 410 26.02 -15.06 19.41
N SER A 411 26.22 -14.94 20.73
CA SER A 411 26.48 -16.11 21.55
C SER A 411 25.29 -17.08 21.59
N LEU A 412 24.08 -16.60 21.30
CA LEU A 412 22.90 -17.47 21.25
C LEU A 412 22.74 -18.20 19.92
N SER A 413 23.64 -17.97 18.97
CA SER A 413 23.65 -18.64 17.68
C SER A 413 22.31 -18.64 16.92
N PRO A 414 21.73 -17.46 16.67
CA PRO A 414 20.44 -17.43 15.97
C PRO A 414 20.60 -17.85 14.51
N GLU A 415 19.50 -18.36 13.92
CA GLU A 415 19.48 -18.60 12.48
C GLU A 415 19.26 -17.26 11.77
N LEU A 416 20.20 -16.89 10.92
CA LEU A 416 20.16 -15.60 10.26
C LEU A 416 19.77 -15.76 8.80
N ASP A 417 18.94 -14.83 8.34
CA ASP A 417 18.51 -14.71 6.95
C ASP A 417 18.64 -13.25 6.55
N TYR A 418 19.17 -13.01 5.36
CA TYR A 418 19.41 -11.65 4.88
C TYR A 418 18.53 -11.30 3.68
N THR A 419 17.34 -11.89 3.58
CA THR A 419 16.44 -11.51 2.49
C THR A 419 16.15 -10.02 2.53
N ASP A 420 16.01 -9.46 3.72
CA ASP A 420 15.61 -8.05 3.85
C ASP A 420 16.24 -7.50 5.13
N GLY A 421 17.44 -6.94 5.00
CA GLY A 421 18.16 -6.55 6.20
C GLY A 421 18.64 -7.82 6.87
N ILE A 422 18.35 -7.95 8.16
CA ILE A 422 18.75 -9.10 8.95
C ILE A 422 17.53 -9.67 9.65
N SER A 423 17.27 -10.95 9.44
CA SER A 423 16.29 -11.70 10.21
C SER A 423 17.03 -12.66 11.11
N ALA A 424 16.67 -12.68 12.40
CA ALA A 424 17.34 -13.52 13.38
C ALA A 424 16.28 -14.34 14.12
N ASP A 425 16.36 -15.66 14.00
CA ASP A 425 15.39 -16.57 14.59
C ASP A 425 16.07 -17.29 15.75
N PHE A 426 15.56 -17.07 16.96
CA PHE A 426 16.15 -17.62 18.17
C PHE A 426 15.43 -18.85 18.69
N GLY A 427 14.40 -19.31 17.97
CA GLY A 427 13.55 -20.39 18.42
C GLY A 427 12.18 -19.90 18.84
N GLN A 428 12.10 -19.31 20.05
CA GLN A 428 10.84 -18.82 20.57
C GLN A 428 10.62 -17.35 20.30
N TRP A 429 11.62 -16.66 19.75
CA TRP A 429 11.41 -15.29 19.31
C TRP A 429 12.27 -15.03 18.08
N ARG A 430 11.94 -13.96 17.38
CA ARG A 430 12.71 -13.58 16.20
C ARG A 430 12.57 -12.09 16.00
N PHE A 431 13.52 -11.52 15.26
CA PHE A 431 13.35 -10.14 14.83
C PHE A 431 13.87 -9.97 13.41
N ASN A 432 13.39 -8.89 12.79
CA ASN A 432 13.90 -8.38 11.53
C ASN A 432 14.29 -6.92 11.74
N LEU A 433 15.42 -6.53 11.19
CA LEU A 433 15.97 -5.19 11.36
C LEU A 433 16.42 -4.76 9.98
N ARG A 434 15.79 -3.71 9.44
CA ARG A 434 16.00 -3.22 8.08
C ARG A 434 16.33 -1.74 8.09
N SER A 435 17.07 -1.32 7.07
CA SER A 435 17.06 0.07 6.63
C SER A 435 15.93 0.27 5.62
N SER A 436 15.23 1.39 5.73
CA SER A 436 14.15 1.72 4.81
C SER A 436 14.69 2.19 3.47
N ASN A 437 13.94 1.88 2.40
CA ASN A 437 14.25 2.33 1.05
C ASN A 437 13.58 3.65 0.70
N THR A 438 12.70 4.15 1.58
CA THR A 438 12.04 5.44 1.39
C THR A 438 12.43 6.48 2.43
N GLU A 439 13.06 6.09 3.54
CA GLU A 439 13.44 6.98 4.63
C GLU A 439 14.76 6.53 5.25
N PRO A 440 15.60 7.49 5.72
CA PRO A 440 16.90 7.12 6.33
C PRO A 440 16.77 6.69 7.78
N LEU A 441 16.16 5.50 7.98
CA LEU A 441 15.83 5.00 9.30
C LEU A 441 16.14 3.52 9.41
N LEU A 442 16.25 3.06 10.65
CA LEU A 442 16.20 1.63 10.97
C LEU A 442 14.81 1.26 11.44
N ARG A 443 14.31 0.12 10.96
CA ARG A 443 12.96 -0.34 11.27
C ARG A 443 13.06 -1.71 11.94
N LEU A 444 12.46 -1.84 13.11
CA LEU A 444 12.53 -3.05 13.92
C LEU A 444 11.17 -3.72 14.00
N ASN A 445 11.16 -5.05 13.91
CA ASN A 445 9.98 -5.86 14.16
C ASN A 445 10.37 -7.08 14.97
N VAL A 446 9.63 -7.37 16.02
CA VAL A 446 9.91 -8.52 16.89
C VAL A 446 8.63 -9.33 17.02
N GLU A 447 8.76 -10.64 17.10
CA GLU A 447 7.61 -11.48 17.42
C GLU A 447 8.10 -12.65 18.24
N THR A 448 7.17 -13.27 18.97
CA THR A 448 7.47 -14.42 19.80
C THR A 448 6.42 -15.50 19.59
N ARG A 449 6.71 -16.67 20.13
CA ARG A 449 5.77 -17.78 20.09
C ARG A 449 4.95 -17.73 21.39
N GLY A 450 3.86 -16.96 21.36
CA GLY A 450 2.91 -16.93 22.47
C GLY A 450 3.43 -16.34 23.77
N ASP A 451 4.44 -15.47 23.71
CA ASP A 451 5.13 -15.01 24.92
C ASP A 451 5.19 -13.49 24.91
N ALA A 452 4.25 -12.85 25.61
CA ALA A 452 4.18 -11.40 25.61
C ALA A 452 5.28 -10.81 26.48
N ALA A 453 5.70 -11.54 27.51
CA ALA A 453 6.83 -11.09 28.34
C ALA A 453 8.13 -11.11 27.56
N LEU A 454 8.41 -12.22 26.88
CA LEU A 454 9.63 -12.31 26.07
C LEU A 454 9.64 -11.23 25.01
N LEU A 455 8.48 -10.96 24.40
CA LEU A 455 8.41 -9.93 23.38
C LEU A 455 8.82 -8.58 23.94
N GLU A 456 8.38 -8.25 25.15
CA GLU A 456 8.71 -6.95 25.71
C GLU A 456 10.18 -6.85 26.08
N THR A 457 10.71 -7.82 26.82
CA THR A 457 12.12 -7.70 27.24
C THR A 457 13.06 -7.69 26.04
N ARG A 458 12.77 -8.50 25.00
CA ARG A 458 13.64 -8.51 23.83
C ARG A 458 13.53 -7.21 23.03
N THR A 459 12.30 -6.71 22.84
CA THR A 459 12.12 -5.43 22.14
C THR A 459 12.87 -4.31 22.85
N GLN A 460 12.73 -4.21 24.16
CA GLN A 460 13.40 -3.16 24.90
C GLN A 460 14.91 -3.36 24.86
N GLU A 461 15.35 -4.60 25.00
CA GLU A 461 16.78 -4.92 24.90
C GLU A 461 17.35 -4.42 23.58
N ILE A 462 16.68 -4.73 22.48
CA ILE A 462 17.17 -4.33 21.16
C ILE A 462 17.14 -2.81 21.02
N SER A 463 16.08 -2.18 21.53
CA SER A 463 15.96 -0.73 21.45
C SER A 463 17.13 -0.04 22.15
N ASN A 464 17.46 -0.48 23.38
CA ASN A 464 18.60 0.13 24.06
C ASN A 464 19.90 -0.06 23.28
N LEU A 465 20.03 -1.20 22.61
CA LEU A 465 21.21 -1.45 21.78
C LEU A 465 21.26 -0.47 20.60
N LEU A 466 20.13 -0.30 19.90
CA LEU A 466 20.07 0.59 18.75
C LEU A 466 20.35 2.03 19.16
N ARG A 467 19.77 2.47 20.26
CA ARG A 467 19.94 3.82 20.80
C ARG A 467 21.27 4.01 21.49
N GLY A 468 22.07 2.96 21.63
CA GLY A 468 23.38 3.08 22.22
C GLY A 468 24.38 3.79 21.32
#